data_6JWD
#
_entry.id   6JWD
#
loop_
_entity.id
_entity.type
_entity.pdbx_description
1 polymer "DNA (5'-D(*GP*GP*GP*GP*CP*GP*GP*GP*GP*CP*GP*GP*GP*GP*CP*GP*GP*GP*GP*T)-3')"
2 non-polymer BERBERINE
#
_entity_poly.entity_id   1
_entity_poly.type   'polydeoxyribonucleotide'
_entity_poly.pdbx_seq_one_letter_code
;(DG)(DG)(DG)(DG)(DC)(DG)(DG)(DG)(DG)(DC)(DG)(DG)(DG)(DG)(DC)(DG)(DG)(DG)(DG)(DT)
;
_entity_poly.pdbx_strand_id   A
#
loop_
_chem_comp.id
_chem_comp.type
_chem_comp.name
_chem_comp.formula
BER non-polymer BERBERINE 'C20 H18 N O4 1'
DC DNA linking 2'-DEOXYCYTIDINE-5'-MONOPHOSPHATE 'C9 H14 N3 O7 P'
DG DNA linking 2'-DEOXYGUANOSINE-5'-MONOPHOSPHATE 'C10 H14 N5 O7 P'
DT DNA linking THYMIDINE-5'-MONOPHOSPHATE 'C10 H15 N2 O8 P'
#
# COMPACT_ATOMS: atom_id res chain seq x y z
C1 BER B . -0.37 -0.09 -0.51
C2 BER B . -1.35 -0.50 -1.40
N1 BER B . 0.67 0.60 -0.97
C3 BER B . -0.49 -0.38 0.84
C4 BER B . -1.23 -0.26 -2.76
C5 BER B . -2.45 -1.25 -0.97
C6 BER B . 1.67 1.05 -0.10
C7 BER B . 0.61 1.22 -2.33
C8 BER B . 0.48 0.05 1.73
C9 BER B . -2.19 -0.78 -3.61
C10 BER B . -0.01 0.19 -3.28
C11 BER B . -3.32 -1.75 -1.84
C12 BER B . 1.57 0.79 1.27
C13 BER B . 0.29 -0.14 3.10
C14 BER B . -3.19 -1.52 -3.14
O1 BER B . -4.40 -2.54 -1.59
C15 BER B . 2.50 1.29 2.16
C16 BER B . 1.22 0.37 4.00
O2 BER B . -4.19 -2.13 -3.83
C17 BER B . -5.11 -2.58 -2.83
C18 BER B . 2.34 1.05 3.53
O3 BER B . 3.54 2.06 1.72
O4 BER B . 3.35 1.45 4.34
C19 BER B . 4.43 1.26 0.94
C20 BER B . 2.93 1.34 5.71
H31 BER B . -1.34 -0.97 1.20
H51 BER B . -2.58 -1.44 0.10
H61 BER B . 2.49 1.67 -0.47
H71 BER B . -0.09 2.06 -2.29
H72 BER B . 1.58 1.46 -2.75
H91 BER B . -2.11 -0.61 -4.68
H101 BER B . 0.66 -0.66 -3.39
H102 BER B . -0.18 0.66 -4.24
H131 BER B . -0.58 -0.67 3.46
H161 BER B . 1.06 0.26 5.07
H171 BER B . -5.45 -3.60 -3.05
H172 BER B . -5.98 -1.91 -2.80
H191 BER B . 4.82 1.86 0.12
H192 BER B . 3.91 0.40 0.54
H193 BER B . 5.25 0.92 1.57
H201 BER B . 2.12 2.04 5.91
H202 BER B . 3.77 1.56 6.36
H203 BER B . 2.58 0.32 5.90
C1 BER B . -0.75 -0.17 -0.61
C2 BER B . -1.75 -0.64 -1.46
N1 BER B . 0.25 0.57 -1.09
C3 BER B . -0.80 -0.48 0.75
C4 BER B . -1.67 -0.37 -2.81
C5 BER B . -2.78 -1.43 -0.99
C6 BER B . 1.25 1.06 -0.25
C7 BER B . 0.11 1.18 -2.44
C8 BER B . 0.18 -0.01 1.61
C9 BER B . -2.63 -0.94 -3.64
C10 BER B . -0.49 0.13 -3.37
C11 BER B . -3.66 -1.96 -1.83
C12 BER B . 1.21 0.78 1.12
C13 BER B . 0.05 -0.22 2.98
C14 BER B . -3.59 -1.72 -3.13
O1 BER B . -4.68 -2.81 -1.55
C15 BER B . 2.12 1.35 1.99
C16 BER B . 0.96 0.35 3.86
O2 BER B . -4.57 -2.38 -3.80
C17 BER B . -5.45 -2.88 -2.77
C18 BER B . 2.00 1.13 3.35
O3 BER B . 3.13 2.14 1.50
O4 BER B . 2.99 1.63 4.15
C19 BER B . 4.09 1.34 0.81
C20 BER B . 2.77 1.21 5.50
H31 BER B . -1.60 -1.11 1.13
H51 BER B . -2.86 -1.65 0.08
H61 BER B . 2.03 1.71 -0.64
H71 BER B . -0.61 1.99 -2.38
H72 BER B . 1.06 1.47 -2.90
H91 BER B . -2.61 -0.76 -4.71
H101 BER B . 0.21 -0.69 -3.51
H102 BER B . -0.72 0.59 -4.33
H131 BER B . -0.77 -0.81 3.37
H161 BER B . 0.87 0.20 4.93
H171 BER B . -5.73 -3.91 -2.98
H172 BER B . -6.34 -2.26 -2.69
H191 BER B . 3.61 0.43 0.45
H192 BER B . 4.90 1.09 1.48
H193 BER B . 4.48 1.90 -0.04
H201 BER B . 2.57 0.14 5.52
H202 BER B . 1.91 1.75 5.91
H203 BER B . 3.65 1.43 6.09
C1 BER B . -0.83 -0.03 -0.70
C2 BER B . -1.86 -0.46 -1.54
N1 BER B . 0.16 0.72 -1.20
C3 BER B . -0.84 -0.39 0.64
C4 BER B . -1.83 -0.13 -2.89
C5 BER B . -2.89 -1.25 -1.06
C6 BER B . 1.19 1.17 -0.37
C7 BER B . -0.03 1.39 -2.51
C8 BER B . 0.17 0.05 1.49
C9 BER B . -2.86 -0.62 -3.68
C10 BER B . -0.67 0.38 -3.46
C11 BER B . -3.84 -1.68 -1.88
C12 BER B . 1.18 0.84 0.98
C13 BER B . 0.08 -0.20 2.86
C14 BER B . -3.83 -1.37 -3.17
O1 BER B . -4.95 -2.42 -1.58
C15 BER B . 2.14 1.37 1.84
C16 BER B . 1.04 0.32 3.71
O2 BER B . -4.91 -1.91 -3.81
C17 BER B . -5.49 -2.80 -2.85
C18 BER B . 2.07 1.10 3.20
O3 BER B . 3.15 2.16 1.36
O4 BER B . 3.09 1.55 3.98
C19 BER B . 4.25 1.35 0.95
C20 BER B . 2.88 1.14 5.33
H31 BER B . -1.65 -1.02 1.03
H51 BER B . -2.92 -1.53 -0.01
H61 BER B . 1.97 1.82 -0.77
H71 BER B . -0.74 2.20 -2.38
H72 BER B . 0.90 1.69 -2.99
H91 BER B . -2.85 -0.41 -4.76
H101 BER B . 0.03 -0.43 -3.67
H102 BER B . -0.93 0.88 -4.39
H131 BER B . -0.74 -0.79 3.25
H161 BER B . 0.96 0.14 4.79
H171 BER B . -5.23 -3.83 -3.08
H172 BER B . -6.58 -2.69 -2.84
H191 BER B . 5.09 1.99 0.66
H192 BER B . 3.95 0.73 0.10
H193 BER B . 4.56 0.71 1.78
H201 BER B . 2.04 1.69 5.75
H202 BER B . 3.78 1.36 5.92
H203 BER B . 2.67 0.07 5.35
C1 BER B . -0.83 -0.18 -0.71
C2 BER B . -1.85 -0.63 -1.53
N1 BER B . 0.15 0.60 -1.23
C3 BER B . -0.81 -0.52 0.64
C4 BER B . -1.85 -0.33 -2.88
C5 BER B . -2.84 -1.46 -1.04
C6 BER B . 1.17 1.08 -0.42
C7 BER B . -0.08 1.24 -2.55
C8 BER B . 0.20 -0.05 1.46
C9 BER B . -2.84 -0.89 -3.67
C10 BER B . -0.72 0.21 -3.48
C11 BER B . -3.76 -1.98 -1.84
C12 BER B . 1.20 0.77 0.94
C13 BER B . 0.14 -0.28 2.83
C14 BER B . -3.76 -1.71 -3.14
O1 BER B . -4.76 -2.86 -1.54
C15 BER B . 2.15 1.34 1.77
C16 BER B . 1.10 0.27 3.68
O2 BER B . -4.76 -2.36 -3.78
C17 BER B . -5.57 -2.91 -2.72
C18 BER B . 2.10 1.07 3.14
O3 BER B . 3.12 2.15 1.28
O4 BER B . 3.12 1.56 3.90
C19 BER B . 4.22 1.37 0.83
C20 BER B . 2.91 1.19 5.27
H31 BER B . -1.58 -1.17 1.04
H51 BER B . -2.87 -1.70 0.03
H61 BER B . 1.93 1.75 -0.83
H71 BER B . -0.81 2.04 -2.43
H72 BER B . 0.84 1.56 -3.04
H91 BER B . -2.86 -0.69 -4.74
H101 BER B . 0.00 -0.59 -3.67
H102 BER B . -0.99 0.69 -4.42
H131 BER B . -0.66 -0.89 3.25
H161 BER B . 1.04 0.10 4.75
H171 BER B . -5.84 -3.94 -2.95
H172 BER B . -6.47 -2.30 -2.59
H191 BER B . 4.99 1.34 1.60
H192 BER B . 4.64 1.81 -0.08
H193 BER B . 3.89 0.35 0.61
H201 BER B . 2.76 0.12 5.34
H202 BER B . 2.03 1.71 5.65
H203 BER B . 3.78 1.48 5.85
C1 BER B . -0.75 -0.13 -0.80
C2 BER B . -1.72 -0.62 -1.67
N1 BER B . 0.19 0.70 -1.27
C3 BER B . -0.78 -0.50 0.54
C4 BER B . -1.68 -0.29 -3.02
C5 BER B . -2.69 -1.51 -1.23
C6 BER B . 1.16 1.22 -0.40
C7 BER B . 0.00 1.35 -2.58
C8 BER B . 0.18 -0.01 1.42
C9 BER B . -2.63 -0.87 -3.86
C10 BER B . -0.55 0.31 -3.55
C11 BER B . -3.56 -2.05 -2.09
C12 BER B . 1.15 0.87 0.94
C13 BER B . 0.09 -0.28 2.77
C14 BER B . -3.52 -1.74 -3.38
O1 BER B . -4.54 -2.97 -1.84
C15 BER B . 2.05 1.45 1.83
C16 BER B . 0.99 0.29 3.66
O2 BER B . -4.48 -2.42 -4.07
C17 BER B . -5.31 -3.02 -3.05
C18 BER B . 1.96 1.15 3.19
O3 BER B . 2.98 2.34 1.38
O4 BER B . 2.92 1.67 3.99
C19 BER B . 3.99 1.64 0.65
C20 BER B . 2.67 1.29 5.34
H31 BER B . -1.54 -1.19 0.90
H51 BER B . -2.75 -1.78 -0.17
H61 BER B . 1.90 1.94 -0.77
H71 BER B . -0.78 2.12 -2.48
H72 BER B . 0.92 1.73 -3.03
H91 BER B . -2.62 -0.64 -4.93
H101 BER B . 0.21 -0.45 -3.74
H102 BER B . -0.81 0.80 -4.49
H131 BER B . -0.71 -0.94 3.14
H161 BER B . 0.90 0.09 4.72
H171 BER B . -5.54 -4.04 -3.31
H172 BER B . -6.23 -2.45 -2.94
H191 BER B . 3.57 0.72 0.23
H192 BER B . 4.82 1.40 1.31
H193 BER B . 4.34 2.26 -0.17
H201 BER B . 1.73 1.72 5.68
H202 BER B . 3.48 1.64 5.98
H203 BER B . 2.62 0.21 5.41
C1 BER B . -0.72 -0.03 -0.89
C2 BER B . -1.74 -0.46 -1.72
N1 BER B . 0.24 0.76 -1.38
C3 BER B . -0.70 -0.42 0.44
C4 BER B . -1.74 -0.10 -3.07
C5 BER B . -2.74 -1.30 -1.27
C6 BER B . 1.28 1.22 -0.55
C7 BER B . 0.03 1.46 -2.67
C8 BER B . 0.30 0.02 1.29
C9 BER B . -2.75 -0.63 -3.88
C10 BER B . -0.61 0.46 -3.64
C11 BER B . -3.66 -1.79 -2.10
C12 BER B . 1.30 0.86 0.79
C13 BER B . 0.24 -0.27 2.64
C14 BER B . -3.65 -1.46 -3.38
O1 BER B . -4.66 -2.66 -1.82
C15 BER B . 2.25 1.39 1.66
C16 BER B . 1.19 0.26 3.51
O2 BER B . -4.66 -2.09 -4.04
C17 BER B . -5.47 -2.66 -3.01
C18 BER B . 2.20 1.07 3.01
O3 BER B . 3.22 2.22 1.19
O4 BER B . 3.21 1.53 3.79
C19 BER B . 4.35 1.44 0.77
C20 BER B . 2.98 1.17 5.15
H31 BER B . -1.48 -1.09 0.82
H51 BER B . -2.76 -1.59 -0.21
H61 BER B . 2.03 1.91 -0.94
H71 BER B . -0.71 2.25 -2.52
H72 BER B . 0.95 1.80 -3.15
H91 BER B . -2.75 -0.39 -4.94
H101 BER B . 0.11 -0.33 -3.88
H102 BER B . -0.88 0.98 -4.56
H131 BER B . -0.56 -0.89 3.03
H161 BER B . 1.14 0.05 4.59
H171 BER B . -5.75 -3.68 -3.27
H172 BER B . -6.37 -2.07 -2.85
H191 BER B . 4.64 0.77 1.57
H192 BER B . 5.18 2.11 0.54
H193 BER B . 4.10 0.87 -0.12
H201 BER B . 2.84 0.09 5.22
H202 BER B . 2.08 1.67 5.51
H203 BER B . 3.83 1.46 5.76
C1 BER B . -0.59 -0.01 -0.57
C2 BER B . -1.58 -0.47 -1.42
N1 BER B . 0.40 0.75 -1.06
C3 BER B . -0.62 -0.36 0.77
C4 BER B . -1.53 -0.15 -2.78
C5 BER B . -2.62 -1.27 -0.97
C6 BER B . 1.41 1.22 -0.20
C7 BER B . 0.24 1.40 -2.37
C8 BER B . 0.37 0.09 1.64
C9 BER B . -2.53 -0.66 -3.59
C10 BER B . -0.38 0.38 -3.33
C11 BER B . -3.55 -1.73 -1.81
C12 BER B . 1.38 0.90 1.15
C13 BER B . 0.25 -0.16 3.00
C14 BER B . -3.51 -1.42 -3.10
O1 BER B . -4.63 -2.48 -1.52
C15 BER B . 2.32 1.44 2.03
C16 BER B . 1.19 0.38 3.88
O2 BER B . -4.56 -1.97 -3.76
C17 BER B . -5.15 -2.87 -2.81
C18 BER B . 2.22 1.17 3.39
O3 BER B . 3.30 2.27 1.56
O4 BER B . 3.22 1.64 4.18
C19 BER B . 4.39 1.47 1.06
C20 BER B . 2.97 1.26 5.54
H31 BER B . -1.42 -1.00 1.15
H51 BER B . -2.67 -1.54 0.08
H61 BER B . 2.18 1.89 -0.59
H71 BER B . -0.49 2.20 -2.28
H72 BER B . 1.18 1.72 -2.84
H91 BER B . -2.51 -0.46 -4.67
H101 BER B . 0.34 -0.42 -3.51
H102 BER B . -0.61 0.87 -4.28
H131 BER B . -0.57 -0.76 3.38
H161 BER B . 1.10 0.20 4.95
H171 BER B . -4.86 -3.90 -3.03
H172 BER B . -6.23 -2.78 -2.83
H191 BER B . 4.06 0.91 0.18
H192 BER B . 4.72 0.78 1.83
H193 BER B . 5.22 2.13 0.79
H201 BER B . 2.10 1.81 5.92
H202 BER B . 3.84 1.50 6.14
H203 BER B . 2.78 0.19 5.58
C1 BER B . -0.43 -0.26 -0.48
C2 BER B . -1.46 -0.73 -1.28
N1 BER B . 0.50 0.55 -1.02
C3 BER B . -0.37 -0.60 0.86
C4 BER B . -1.50 -0.44 -2.64
C5 BER B . -2.41 -1.60 -0.76
C6 BER B . 1.54 1.06 -0.24
C7 BER B . 0.24 1.19 -2.34
C8 BER B . 0.65 -0.10 1.66
C9 BER B . -2.49 -1.02 -3.40
C10 BER B . -0.39 0.14 -3.25
C11 BER B . -3.34 -2.14 -1.55
C12 BER B . 1.60 0.75 1.12
C13 BER B . 0.63 -0.34 3.04
C14 BER B . -3.38 -1.86 -2.85
O1 BER B . -4.31 -3.04 -1.23
C15 BER B . 2.55 1.34 1.94
C16 BER B . 1.57 0.25 3.86
O2 BER B . -4.38 -2.54 -3.47
C17 BER B . -5.14 -3.10 -2.39
C18 BER B . 2.54 1.08 3.30
O3 BER B . 3.50 2.16 1.41
O4 BER B . 3.55 1.60 4.04
C19 BER B . 4.65 1.41 1.03
C20 BER B . 3.45 1.14 5.39
H31 BER B . -1.11 -1.28 1.27
H51 BER B . -2.40 -1.84 0.30
H61 BER B . 2.26 1.76 -0.66
H71 BER B . -0.52 1.96 -2.19
H72 BER B . 1.13 1.53 -2.85
H91 BER B . -2.55 -0.81 -4.47
H101 BER B . 0.34 -0.64 -3.48
H102 BER B . -0.70 0.61 -4.18
H131 BER B . -0.15 -0.97 3.46
H161 BER B . 1.55 0.08 4.93
H171 BER B . -5.39 -4.14 -2.61
H172 BER B . -6.05 -2.54 -2.24
H191 BER B . 5.41 2.07 0.63
H192 BER B . 4.36 0.68 0.26
H193 BER B . 5.04 0.87 1.89
H201 BER B . 2.61 1.63 5.88
H202 BER B . 4.38 1.38 5.92
H203 BER B . 3.29 0.06 5.39
C1 BER B . -0.66 -0.19 -0.67
C2 BER B . -1.65 -0.69 -1.52
N1 BER B . 0.31 0.59 -1.17
C3 BER B . -0.69 -0.52 0.69
C4 BER B . -1.60 -0.41 -2.87
C5 BER B . -2.65 -1.52 -1.04
C6 BER B . 1.30 1.10 -0.32
C7 BER B . 0.14 1.20 -2.50
C8 BER B . 0.29 -0.03 1.54
C9 BER B . -2.56 -0.99 -3.69
C10 BER B . -0.45 0.14 -3.44
C11 BER B . -3.53 -2.07 -1.88
C12 BER B . 1.29 0.80 1.03
C13 BER B . 0.19 -0.26 2.91
C14 BER B . -3.48 -1.81 -3.19
O1 BER B . -4.52 -2.95 -1.60
C15 BER B . 2.20 1.38 1.90
C16 BER B . 1.10 0.32 3.77
O2 BER B . -4.46 -2.49 -3.84
C17 BER B . -5.29 -3.02 -2.81
C18 BER B . 2.11 1.14 3.26
O3 BER B . 3.16 2.22 1.42
O4 BER B . 3.09 1.66 4.05
C19 BER B . 4.22 1.46 0.83
C20 BER B . 2.86 1.29 5.41
H31 BER B . -1.47 -1.17 1.06
H51 BER B . -2.71 -1.74 0.02
H61 BER B . 2.06 1.78 -0.72
H71 BER B . -0.62 1.99 -2.43
H72 BER B . 1.07 1.52 -2.97
H91 BER B . -2.54 -0.79 -4.76
H101 BER B . 0.28 -0.65 -3.60
H102 BER B . -0.70 0.59 -4.40
H131 BER B . -0.61 -0.87 3.30
H161 BER B . 1.02 0.16 4.85
H171 BER B . -5.55 -4.06 -3.03
H172 BER B . -6.20 -2.44 -2.72
H191 BER B . 4.21 0.45 1.23
H192 BER B . 5.18 1.93 1.04
H193 BER B . 4.07 1.42 -0.26
H201 BER B . 1.97 1.79 5.78
H202 BER B . 3.72 1.58 6.02
H203 BER B . 2.73 0.21 5.48
C1 BER B . -0.67 -0.11 -0.73
C2 BER B . -1.66 -0.56 -1.59
N1 BER B . 0.32 0.66 -1.22
C3 BER B . -0.69 -0.46 0.60
C4 BER B . -1.63 -0.24 -2.94
C5 BER B . -2.69 -1.38 -1.13
C6 BER B . 1.33 1.14 -0.38
C7 BER B . 0.14 1.33 -2.54
C8 BER B . 0.30 0.00 1.47
C9 BER B . -2.64 -0.75 -3.75
C10 BER B . -0.48 0.30 -3.50
C11 BER B . -3.62 -1.83 -1.96
C12 BER B . 1.31 0.81 0.97
C13 BER B . 0.20 -0.25 2.83
C14 BER B . -3.60 -1.51 -3.25
O1 BER B . -4.72 -2.59 -1.66
C15 BER B . 2.24 1.37 1.85
C16 BER B . 1.14 0.29 3.71
O2 BER B . -4.65 -2.07 -3.90
C17 BER B . -5.24 -2.98 -2.95
C18 BER B . 2.16 1.09 3.20
O3 BER B . 3.23 2.18 1.38
O4 BER B . 3.16 1.57 4.00
C19 BER B . 4.33 1.39 0.92
C20 BER B . 2.93 1.17 5.35
H31 BER B . -1.47 -1.11 0.98
H51 BER B . -2.72 -1.65 -0.07
H61 BER B . 2.10 1.81 -0.77
H71 BER B . -0.60 2.12 -2.43
H72 BER B . 1.07 1.64 -3.00
H91 BER B . -2.61 -0.55 -4.82
H101 BER B . 0.24 -0.50 -3.69
H102 BER B . -0.73 0.80 -4.43
H131 BER B . -0.61 -0.86 3.22
H161 BER B . 1.05 0.12 4.78
H171 BER B . -4.95 -4.00 -3.17
H172 BER B . -6.32 -2.89 -2.95
H191 BER B . 4.21 1.15 -0.13
H192 BER B . 4.38 0.48 1.50
H193 BER B . 5.26 1.96 1.05
H201 BER B . 2.06 1.69 5.73
H202 BER B . 3.80 1.42 5.96
H203 BER B . 2.76 0.10 5.39
C1 BER B . -0.42 -0.28 -0.71
C2 BER B . -1.37 -0.80 -1.58
N1 BER B . 0.53 0.54 -1.19
C3 BER B . -0.45 -0.62 0.64
C4 BER B . -1.32 -0.50 -2.93
C5 BER B . -2.37 -1.65 -1.12
C6 BER B . 1.50 1.07 -0.33
C7 BER B . 0.35 1.16 -2.51
C8 BER B . 0.50 -0.10 1.51
C9 BER B . -2.28 -1.07 -3.76
C10 BER B . -0.19 0.09 -3.47
C11 BER B . -3.26 -2.17 -1.96
C12 BER B . 1.47 0.76 1.03
C13 BER B . 0.39 -0.36 2.88
C14 BER B . -3.22 -1.87 -3.26
O1 BER B . -4.30 -3.00 -1.69
C15 BER B . 2.36 1.36 1.91
C16 BER B . 1.29 0.23 3.76
O2 BER B . -4.22 -2.51 -3.94
C17 BER B . -4.77 -3.44 -2.97
C18 BER B . 2.27 1.08 3.27
O3 BER B . 3.31 2.23 1.45
O4 BER B . 3.23 1.62 4.07
C19 BER B . 4.36 1.51 0.83
C20 BER B . 2.99 1.24 5.43
H31 BER B . -1.22 -1.30 1.01
H51 BER B . -2.42 -1.91 -0.07
H61 BER B . 2.23 1.79 -0.70
H71 BER B . -0.44 1.92 -2.44
H72 BER B . 1.28 1.53 -2.97
H91 BER B . -2.26 -0.87 -4.82
H101 BER B . 0.58 -0.66 -3.63
H102 BER B . -0.44 0.55 -4.42
H131 BER B . -0.40 -1.00 3.25
H161 BER B . 1.20 0.06 4.83
H171 BER B . -4.41 -4.44 -3.19
H172 BER B . -5.85 -3.41 -3.01
H191 BER B . 4.12 1.32 -0.22
H192 BER B . 4.52 0.56 1.34
H193 BER B . 5.29 2.10 0.88
H201 BER B . 2.89 0.15 5.49
H202 BER B . 2.06 1.70 5.78
H203 BER B . 3.82 1.57 6.05
C1 BER B . -0.69 -0.15 -0.69
C2 BER B . -1.71 -0.61 -1.51
N1 BER B . 0.27 0.65 -1.21
C3 BER B . -0.67 -0.50 0.66
C4 BER B . -1.71 -0.30 -2.87
C5 BER B . -2.69 -1.47 -1.03
C6 BER B . 1.29 1.14 -0.39
C7 BER B . 0.05 1.29 -2.52
C8 BER B . 0.33 -0.02 1.49
C9 BER B . -2.69 -0.86 -3.66
C10 BER B . -0.58 0.26 -3.45
C11 BER B . -3.59 -1.99 -1.85
C12 BER B . 1.31 0.82 0.97
C13 BER B . 0.28 -0.27 2.85
C14 BER B . -3.59 -1.71 -3.14
O1 BER B . -4.59 -2.88 -1.55
C15 BER B . 2.26 1.39 1.81
C16 BER B . 1.22 0.28 3.70
O2 BER B . -4.59 -2.37 -3.79
C17 BER B . -5.39 -2.93 -2.74
C18 BER B . 2.21 1.11 3.17
O3 BER B . 3.21 2.22 1.32
O4 BER B . 3.21 1.61 3.94
C19 BER B . 4.40 1.49 1.04
C20 BER B . 3.00 1.24 5.30
H31 BER B . -1.44 -1.17 1.05
H51 BER B . -2.71 -1.73 0.03
H61 BER B . 2.03 1.83 -0.79
H71 BER B . -0.70 2.08 -2.39
H72 BER B . 0.95 1.63 -3.01
H91 BER B . -2.71 -0.66 -4.73
H101 BER B . 0.15 -0.53 -3.66
H102 BER B . -0.86 0.74 -4.40
H131 BER B . -0.53 -0.90 3.26
H161 BER B . 1.17 0.10 4.78
H171 BER B . -5.65 -3.96 -2.98
H172 BER B . -6.30 -2.34 -2.61
H191 BER B . 5.23 2.19 0.92
H192 BER B . 4.27 0.93 0.12
H193 BER B . 4.61 0.81 1.87
H201 BER B . 3.86 1.54 5.91
H202 BER B . 2.87 0.16 5.38
H203 BER B . 2.11 1.74 5.68
C1 BER B . -0.53 -0.17 -0.67
C2 BER B . -1.50 -0.67 -1.54
N1 BER B . 0.43 0.63 -1.14
C3 BER B . -0.58 -0.51 0.68
C4 BER B . -1.44 -0.36 -2.89
C5 BER B . -2.52 -1.50 -1.09
C6 BER B . 1.41 1.14 -0.29
C7 BER B . 0.27 1.27 -2.47
C8 BER B . 0.38 -0.02 1.55
C9 BER B . -2.41 -0.90 -3.72
C10 BER B . -0.29 0.20 -3.43
C11 BER B . -3.42 -1.99 -1.94
C12 BER B . 1.39 0.82 1.07
C13 BER B . 0.28 -0.28 2.92
C14 BER B . -3.36 -1.69 -3.23
O1 BER B . -4.48 -2.78 -1.66
C15 BER B . 2.29 1.39 1.95
C16 BER B . 1.18 0.30 3.80
O2 BER B . -4.39 -2.29 -3.90
C17 BER B . -4.96 -3.20 -2.95
C18 BER B . 2.18 1.12 3.31
O3 BER B . 3.25 2.24 1.50
O4 BER B . 3.16 1.63 4.12
C19 BER B . 4.22 1.50 0.75
C20 BER B . 2.91 1.25 5.47
H31 BER B . -1.36 -1.18 1.04
H51 BER B . -2.58 -1.76 -0.03
H61 BER B . 2.17 1.83 -0.66
H71 BER B . -0.50 2.04 -2.40
H72 BER B . 1.20 1.60 -2.92
H91 BER B . -2.38 -0.71 -4.79
H101 BER B . 0.46 -0.57 -3.59
H102 BER B . -0.54 0.68 -4.38
H131 BER B . -0.54 -0.90 3.29
H161 BER B . 1.09 0.12 4.87
H171 BER B . -4.63 -4.22 -3.16
H172 BER B . -6.05 -3.16 -2.98
H191 BER B . 5.20 1.64 1.20
H192 BER B . 4.24 1.87 -0.28
H193 BER B . 3.96 0.44 0.76
H201 BER B . 3.75 1.53 6.09
H202 BER B . 2.77 0.16 5.52
H203 BER B . 2.00 1.72 5.83
C1 BER B . -0.18 -0.04 -0.42
C2 BER B . -1.15 -0.50 -1.31
N1 BER B . 0.84 0.68 -0.90
C3 BER B . -0.28 -0.34 0.93
C4 BER B . -1.04 -0.25 -2.67
C5 BER B . -2.22 -1.28 -0.86
C6 BER B . 1.83 1.16 -0.03
C7 BER B . 0.75 1.28 -2.25
C8 BER B . 0.67 0.13 1.81
C9 BER B . -1.99 -0.81 -3.52
C10 BER B . 0.16 0.22 -3.20
C11 BER B . -3.08 -1.81 -1.73
C12 BER B . 1.74 0.90 1.34
C13 BER B . 0.51 -0.06 3.18
C14 BER B . -2.97 -1.58 -3.03
O1 BER B . -4.13 -2.63 -1.46
C15 BER B . 2.66 1.45 2.23
C16 BER B . 1.42 0.49 4.07
O2 BER B . -3.94 -2.23 -3.72
C17 BER B . -4.85 -2.70 -2.71
C18 BER B . 2.50 1.21 3.59
O3 BER B . 3.67 2.24 1.78
O4 BER B . 3.50 1.66 4.41
C19 BER B . 4.65 1.43 1.11
C20 BER B . 3.09 1.54 5.76
H31 BER B . -1.11 -0.94 1.29
H51 BER B . -2.33 -1.47 0.20
H61 BER B . 2.63 1.80 -0.40
H71 BER B . 0.04 2.10 -2.22
H72 BER B . 1.71 1.55 -2.68
H91 BER B . -1.92 -0.65 -4.59
H101 BER B . 0.86 -0.60 -3.31
H102 BER B . -0.03 0.68 -4.16
H131 BER B . -0.35 -0.61 3.55
H161 BER B . 1.27 0.37 5.15
H171 BER B . -5.14 -3.73 -2.92
H172 BER B . -5.73 -2.07 -2.67
H191 BER B . 5.37 2.08 0.63
H192 BER B . 4.16 0.81 0.37
H193 BER B . 5.16 0.80 1.85
H201 BER B . 3.91 1.82 6.42
H202 BER B . 2.81 0.50 5.98
H203 BER B . 2.24 2.19 5.95
C1 BER B . -0.43 -0.32 -0.69
C2 BER B . -1.40 -0.83 -1.55
N1 BER B . 0.54 0.48 -1.18
C3 BER B . -0.47 -0.64 0.66
C4 BER B . -1.34 -0.55 -2.91
C5 BER B . -2.40 -1.67 -1.09
C6 BER B . 1.51 1.00 -0.32
C7 BER B . 0.37 1.09 -2.52
C8 BER B . 0.49 -0.13 1.53
C9 BER B . -2.28 -1.14 -3.74
C10 BER B . -0.19 0.02 -3.45
C11 BER B . -3.26 -2.23 -1.94
C12 BER B . 1.48 0.72 1.04
C13 BER B . 0.37 -0.36 2.90
C14 BER B . -3.20 -1.97 -3.24
O1 BER B . -4.26 -3.10 -1.66
C15 BER B . 2.37 1.32 1.92
C16 BER B . 1.26 0.24 3.78
O2 BER B . -4.17 -2.65 -3.91
C17 BER B . -5.01 -3.19 -2.88
C18 BER B . 2.26 1.06 3.28
O3 BER B . 3.33 2.16 1.44
O4 BER B . 3.23 1.61 4.08
C19 BER B . 4.37 1.40 0.82
C20 BER B . 2.98 1.22 5.44
H31 BER B . -1.25 -1.30 1.04
H51 BER B . -2.47 -1.90 -0.03
H61 BER B . 2.26 1.69 -0.71
H71 BER B . -0.39 1.86 -2.46
H72 BER B . 1.30 1.43 -2.97
H91 BER B . -2.26 -0.95 -4.81
H101 BER B . 0.55 -0.76 -3.60
H102 BER B . -0.43 0.47 -4.41
H131 BER B . -0.44 -0.98 3.28
H161 BER B . 1.17 0.08 4.85
H171 BER B . -5.26 -4.23 -3.10
H172 BER B . -5.93 -2.59 -2.80
H191 BER B . 3.99 0.93 -0.08
H192 BER B . 4.73 0.65 1.51
H193 BER B . 5.19 2.08 0.56
H201 BER B . 2.07 1.70 5.79
H202 BER B . 3.82 1.53 6.06
H203 BER B . 2.87 0.14 5.50
C1 BER B . -0.73 -0.20 -0.96
C2 BER B . -1.74 -0.66 -1.79
N1 BER B . 0.21 0.62 -1.46
C3 BER B . -0.69 -0.58 0.37
C4 BER B . -1.76 -0.32 -3.13
C5 BER B . -2.71 -1.54 -1.32
C6 BER B . 1.22 1.13 -0.63
C7 BER B . -0.04 1.31 -2.76
C8 BER B . 0.30 -0.10 1.21
C9 BER B . -2.74 -0.88 -3.94
C10 BER B . -0.64 0.27 -3.72
C11 BER B . -3.61 -2.06 -2.15
C12 BER B . 1.26 0.76 0.71
C13 BER B . 0.25 -0.40 2.57
C14 BER B . -3.62 -1.74 -3.44
O1 BER B . -4.60 -2.96 -1.87
C15 BER B . 2.20 1.32 1.57
C16 BER B . 1.20 0.16 3.43
O2 BER B . -4.62 -2.40 -4.09
C17 BER B . -5.41 -2.99 -3.05
C18 BER B . 2.16 1.01 2.92
O3 BER B . 3.15 2.17 1.09
O4 BER B . 3.17 1.51 3.69
C19 BER B . 4.28 1.42 0.62
C20 BER B . 2.95 1.13 5.06
H31 BER B . -1.45 -1.28 0.76
H51 BER B . -2.73 -1.82 -0.27
H61 BER B . 1.95 1.82 -1.03
H71 BER B . -0.80 2.07 -2.61
H72 BER B . 0.87 1.67 -3.25
H91 BER B . -2.76 -0.64 -5.00
H101 BER B . 0.10 -0.49 -3.95
H102 BER B . -0.93 0.77 -4.64
H131 BER B . -0.53 -1.04 2.96
H161 BER B . 1.16 -0.06 4.50
H171 BER B . -5.67 -4.01 -3.31
H172 BER B . -6.33 -2.41 -2.89
H191 BER B . 4.97 2.07 0.10
H192 BER B . 3.94 0.62 -0.04
H193 BER B . 4.79 0.97 1.48
H201 BER B . 2.87 0.06 5.13
H202 BER B . 2.03 1.61 5.41
H203 BER B . 3.79 1.48 5.67
C1 BER B . -0.31 -0.06 -0.46
C2 BER B . -1.28 -0.53 -1.32
N1 BER B . 0.69 0.69 -0.93
C3 BER B . -0.37 -0.39 0.90
C4 BER B . -1.20 -0.25 -2.69
C5 BER B . -2.32 -1.33 -0.88
C6 BER B . 1.69 1.17 -0.07
C7 BER B . 0.57 1.31 -2.28
C8 BER B . 0.59 0.08 1.77
C9 BER B . -2.16 -0.82 -3.52
C10 BER B . -0.02 0.26 -3.22
C11 BER B . -3.20 -1.87 -1.73
C12 BER B . 1.63 0.88 1.29
C13 BER B . 0.46 -0.14 3.14
C14 BER B . -3.11 -1.61 -3.03
O1 BER B . -4.22 -2.72 -1.47
C15 BER B . 2.56 1.43 2.17
C16 BER B . 1.38 0.41 4.02
O2 BER B . -4.09 -2.27 -3.72
C17 BER B . -4.96 -2.77 -2.70
C18 BER B . 2.43 1.17 3.53
O3 BER B . 3.54 2.24 1.71
O4 BER B . 3.44 1.63 4.33
C19 BER B . 4.49 1.49 0.97
C20 BER B . 3.06 1.46 5.70
H31 BER B . -1.18 -1.01 1.26
H51 BER B . -2.41 -1.55 0.19
H61 BER B . 2.47 1.83 -0.45
H71 BER B . -0.16 2.11 -2.22
H72 BER B . 1.52 1.60 -2.72
H91 BER B . -2.11 -0.63 -4.60
H101 BER B . 0.69 -0.55 -3.36
H102 BER B . -0.24 0.73 -4.18
H131 BER B . -0.38 -0.72 3.51
H161 BER B . 1.26 0.26 5.09
H171 BER B . -5.24 -3.80 -2.91
H172 BER B . -5.87 -2.16 -2.63
H191 BER B . 4.98 2.13 0.23
H192 BER B . 3.98 0.67 0.45
H193 BER B . 5.25 1.08 1.64
H201 BER B . 2.81 0.41 5.89
H202 BER B . 2.19 2.07 5.92
H203 BER B . 3.89 1.77 6.34
C1 BER B . -0.53 -0.09 -0.74
C2 BER B . -1.53 -0.57 -1.59
N1 BER B . 0.43 0.69 -1.23
C3 BER B . -0.54 -0.45 0.60
C4 BER B . -1.50 -0.24 -2.93
C5 BER B . -2.54 -1.39 -1.12
C6 BER B . 1.45 1.17 -0.39
C7 BER B . 0.24 1.36 -2.55
C8 BER B . 0.44 0.02 1.46
C9 BER B . -2.51 -0.76 -3.75
C10 BER B . -0.36 0.32 -3.50
C11 BER B . -3.47 -1.86 -1.95
C12 BER B . 1.44 0.85 0.97
C13 BER B . 0.35 -0.23 2.82
C14 BER B . -3.46 -1.54 -3.24
O1 BER B . -4.55 -2.64 -1.65
C15 BER B . 2.37 1.41 1.83
C16 BER B . 1.28 0.32 3.69
O2 BER B . -4.51 -2.12 -3.89
C17 BER B . -5.07 -3.03 -2.94
C18 BER B . 2.29 1.14 3.19
O3 BER B . 3.34 2.25 1.35
O4 BER B . 3.29 1.62 3.97
C19 BER B . 4.51 1.49 1.03
C20 BER B . 3.07 1.22 5.33
H31 BER B . -1.33 -1.11 0.98
H51 BER B . -2.57 -1.67 -0.07
H61 BER B . 2.20 1.86 -0.78
H71 BER B . -0.51 2.14 -2.43
H72 BER B . 1.16 1.68 -3.02
H91 BER B . -2.49 -0.56 -4.82
H101 BER B . 0.36 -0.46 -3.70
H102 BER B . -0.62 0.81 -4.44
H131 BER B . -0.46 -0.85 3.21
H161 BER B . 1.20 0.15 4.77
H171 BER B . -4.76 -4.05 -3.16
H172 BER B . -6.16 -2.96 -2.94
H191 BER B . 4.50 0.55 1.58
H192 BER B . 5.39 2.07 1.28
H193 BER B . 4.51 1.28 -0.04
H201 BER B . 3.94 1.49 5.93
H202 BER B . 2.91 0.14 5.36
H203 BER B . 2.19 1.73 5.71
C1 BER B . -0.69 -0.17 -0.71
C2 BER B . -1.71 -0.63 -1.53
N1 BER B . 0.27 0.62 -1.23
C3 BER B . -0.68 -0.51 0.64
C4 BER B . -1.71 -0.33 -2.88
C5 BER B . -2.70 -1.49 -1.05
C6 BER B . 1.29 1.12 -0.41
C7 BER B . 0.05 1.26 -2.55
C8 BER B . 0.32 -0.04 1.47
C9 BER B . -2.70 -0.90 -3.68
C10 BER B . -0.58 0.22 -3.48
C11 BER B . -3.61 -2.01 -1.86
C12 BER B . 1.31 0.80 0.95
C13 BER B . 0.27 -0.28 2.83
C14 BER B . -3.61 -1.72 -3.16
O1 BER B . -4.60 -2.88 -1.56
C15 BER B . 2.25 1.37 1.79
C16 BER B . 1.21 0.27 3.68
O2 BER B . -4.61 -2.39 -3.80
C17 BER B . -5.41 -2.93 -2.75
C18 BER B . 2.20 1.09 3.15
O3 BER B . 3.21 2.20 1.29
O4 BER B . 3.21 1.59 3.91
C19 BER B . 4.44 1.49 1.14
C20 BER B . 3.01 1.22 5.28
H31 BER B . -1.44 -1.19 1.03
H51 BER B . -2.72 -1.73 0.02
H61 BER B . 2.03 1.80 -0.82
H71 BER B . -0.70 2.05 -2.43
H72 BER B . 0.96 1.59 -3.04
H91 BER B . -2.72 -0.68 -4.75
H101 BER B . 0.15 -0.57 -3.68
H102 BER B . -0.86 0.71 -4.42
H131 BER B . -0.54 -0.90 3.24
H161 BER B . 1.16 0.11 4.76
H171 BER B . -5.68 -3.96 -2.98
H172 BER B . -6.31 -2.34 -2.61
H191 BER B . 4.40 0.89 0.23
H192 BER B . 4.59 0.84 2.00
H193 BER B . 5.27 2.20 1.07
H201 BER B . 2.12 1.74 5.66
H202 BER B . 3.88 1.52 5.87
H203 BER B . 2.87 0.15 5.35
C1 BER B . -0.73 -0.02 -0.89
C2 BER B . -1.73 -0.46 -1.73
N1 BER B . 0.25 0.76 -1.38
C3 BER B . -0.74 -0.39 0.46
C4 BER B . -1.72 -0.13 -3.07
C5 BER B . -2.76 -1.28 -1.26
C6 BER B . 1.27 1.21 -0.54
C7 BER B . 0.06 1.43 -2.68
C8 BER B . 0.27 0.06 1.31
C9 BER B . -2.74 -0.63 -3.88
C10 BER B . -0.57 0.42 -3.64
C11 BER B . -3.71 -1.73 -2.09
C12 BER B . 1.27 0.88 0.82
C13 BER B . 0.18 -0.21 2.68
C14 BER B . -3.69 -1.40 -3.38
O1 BER B . -4.78 -2.51 -1.80
C15 BER B . 2.22 1.41 1.68
C16 BER B . 1.12 0.32 3.54
O2 BER B . -4.74 -1.96 -4.03
C17 BER B . -5.30 -2.88 -3.08
C18 BER B . 2.15 1.11 3.04
O3 BER B . 3.19 2.24 1.21
O4 BER B . 3.16 1.57 3.81
C19 BER B . 4.36 1.49 0.90
C20 BER B . 2.93 1.18 5.18
H31 BER B . -1.52 -1.04 0.83
H51 BER B . -2.79 -1.57 -0.22
H61 BER B . 2.03 1.90 -0.93
H71 BER B . -0.68 2.23 -2.55
H72 BER B . 0.98 1.75 -3.15
H91 BER B . -2.72 -0.41 -4.95
H101 BER B . 0.15 -0.38 -3.85
H102 BER B . -0.83 0.92 -4.57
H131 BER B . -0.64 -0.82 3.05
H161 BER B . 1.06 0.12 4.61
H171 BER B . -5.02 -3.90 -3.33
H172 BER B . -6.39 -2.80 -3.08
H191 BER B . 4.49 0.69 1.64
H192 BER B . 5.23 2.14 0.92
H193 BER B . 4.26 1.05 -0.09
H201 BER B . 2.06 1.71 5.56
H202 BER B . 3.80 1.44 5.77
H203 BER B . 2.75 0.11 5.22
#